data_4UNN
#
_entry.id   4UNN
#
_cell.length_a   75.624
_cell.length_b   75.624
_cell.length_c   71.140
_cell.angle_alpha   90.00
_cell.angle_beta   90.00
_cell.angle_gamma   120.00
#
_symmetry.space_group_name_H-M   'P 32'
#
loop_
_entity.id
_entity.type
_entity.pdbx_description
1 polymer 'THYMIDYLATE KINASE'
2 non-polymer '4-[3-cyano-6-(3-methoxyphenyl)-2-oxo-1H-pyridin-4-yl]benzoic acid'
3 water water
#
_entity_poly.entity_id   1
_entity_poly.type   'polypeptide(L)'
_entity_poly.pdbx_seq_one_letter_code
;VLIAIEGVDGAGKRTLVEKLSGAFRAAGRSVATLAFPRYGQSVAADIAAEALHGEHGDLASSVYAMATLFALDRAGAVHT
IQGLCRGYDVVILDRYVASNAAYSAARLHENAAGKAAAWVQRIEFARLGLPKPDWQVLLAVSAELAGERSRGRAQRDPGR
ARDNYERDAELQQRTGAVYAELAAQGWGGRWLVVGADVDPGRLAATLAPPDVPS
;
_entity_poly.pdbx_strand_id   A,B
#
# COMPACT_ATOMS: atom_id res chain seq x y z
N VAL A 1 17.07 -0.78 24.39
CA VAL A 1 16.05 0.31 24.30
C VAL A 1 15.79 0.86 22.89
N LEU A 2 14.50 0.97 22.53
CA LEU A 2 14.06 1.50 21.22
C LEU A 2 13.47 2.93 21.35
N ILE A 3 13.98 3.86 20.53
CA ILE A 3 13.72 5.29 20.64
C ILE A 3 13.37 5.93 19.28
N ALA A 4 12.17 6.48 19.16
CA ALA A 4 11.84 7.28 17.99
C ALA A 4 12.18 8.72 18.32
N ILE A 5 12.96 9.35 17.46
CA ILE A 5 13.08 10.80 17.44
C ILE A 5 11.98 11.25 16.46
N GLU A 6 11.19 12.24 16.90
CA GLU A 6 10.03 12.77 16.14
C GLU A 6 10.08 14.31 16.08
N GLY A 7 9.28 14.93 15.20
CA GLY A 7 9.34 16.38 14.98
C GLY A 7 9.08 16.72 13.52
N VAL A 8 9.04 18.02 13.20
CA VAL A 8 8.67 18.49 11.88
C VAL A 8 9.89 18.70 10.97
N ASP A 9 9.69 18.80 9.65
CA ASP A 9 10.86 18.96 8.75
C ASP A 9 11.46 20.34 8.74
N GLY A 10 12.79 20.30 8.61
CA GLY A 10 13.68 21.34 9.10
C GLY A 10 13.91 21.29 10.62
N ALA A 11 13.14 20.53 11.40
CA ALA A 11 13.31 20.63 12.83
C ALA A 11 14.71 20.17 13.27
N GLY A 12 15.33 19.27 12.49
CA GLY A 12 16.75 18.88 12.72
C GLY A 12 16.85 17.65 13.59
N LYS A 13 15.98 16.69 13.31
CA LYS A 13 15.98 15.38 13.94
C LYS A 13 17.23 14.57 13.62
N ARG A 14 17.73 14.69 12.41
CA ARG A 14 18.89 13.87 12.07
C ARG A 14 20.09 14.23 12.94
N THR A 15 20.29 15.52 13.18
CA THR A 15 21.39 16.03 13.99
C THR A 15 21.28 15.48 15.44
N LEU A 16 20.07 15.51 15.98
CA LEU A 16 19.78 14.95 17.27
C LEU A 16 19.98 13.44 17.29
N VAL A 17 19.71 12.76 16.17
CA VAL A 17 19.95 11.30 16.11
C VAL A 17 21.43 11.09 16.27
N GLU A 18 22.23 11.88 15.54
CA GLU A 18 23.69 11.72 15.55
C GLU A 18 24.25 12.07 16.88
N LYS A 19 23.66 13.10 17.50
CA LYS A 19 24.06 13.56 18.82
C LYS A 19 23.88 12.44 19.83
N LEU A 20 22.68 11.86 19.85
CA LEU A 20 22.39 10.82 20.85
C LEU A 20 23.25 9.62 20.61
N SER A 21 23.52 9.34 19.33
CA SER A 21 24.37 8.19 18.97
C SER A 21 25.72 8.34 19.62
N GLY A 22 26.33 9.50 19.49
CA GLY A 22 27.64 9.73 20.08
C GLY A 22 27.59 9.49 21.56
N ALA A 23 26.63 10.12 22.22
CA ALA A 23 26.47 10.05 23.67
C ALA A 23 26.28 8.60 24.14
N PHE A 24 25.40 7.86 23.47
CA PHE A 24 25.11 6.47 23.89
C PHE A 24 26.35 5.62 23.77
N ARG A 25 27.11 5.84 22.69
CA ARG A 25 28.35 5.11 22.44
C ARG A 25 29.47 5.54 23.38
N ALA A 26 29.44 6.81 23.77
CA ALA A 26 30.30 7.37 24.82
C ALA A 26 29.98 6.68 26.13
N ALA A 27 28.73 6.31 26.32
CA ALA A 27 28.31 5.65 27.53
C ALA A 27 28.55 4.15 27.45
N GLY A 28 29.11 3.67 26.33
CA GLY A 28 29.52 2.25 26.21
C GLY A 28 28.42 1.39 25.62
N ARG A 29 27.57 1.99 24.78
CA ARG A 29 26.45 1.29 24.21
C ARG A 29 26.59 1.15 22.70
N SER A 30 26.15 -0.01 22.20
CA SER A 30 26.03 -0.24 20.77
C SER A 30 24.71 0.38 20.26
N VAL A 31 24.80 1.18 19.20
CA VAL A 31 23.63 1.87 18.66
C VAL A 31 23.40 1.51 17.20
N ALA A 32 22.14 1.38 16.83
CA ALA A 32 21.77 1.29 15.42
C ALA A 32 20.75 2.37 15.19
N THR A 33 20.77 2.92 14.00
CA THR A 33 19.80 3.92 13.60
C THR A 33 19.25 3.53 12.23
N LEU A 34 18.11 4.12 11.90
CA LEU A 34 17.37 3.77 10.70
C LEU A 34 16.33 4.87 10.60
N ALA A 35 15.96 5.27 9.37
CA ALA A 35 15.21 6.51 9.17
C ALA A 35 14.09 6.21 8.26
N PHE A 36 12.94 6.85 8.48
CA PHE A 36 11.77 6.71 7.64
C PHE A 36 11.25 8.06 7.17
N PRO A 37 10.53 8.07 6.02
CA PRO A 37 10.28 6.93 5.13
C PRO A 37 11.51 6.46 4.38
N ARG A 38 11.52 5.21 3.95
CA ARG A 38 12.70 4.61 3.32
C ARG A 38 12.66 4.79 1.81
N TYR A 39 12.72 6.06 1.42
CA TYR A 39 12.78 6.43 0.02
C TYR A 39 13.95 5.73 -0.63
N GLY A 40 13.75 5.15 -1.83
CA GLY A 40 14.82 4.40 -2.52
C GLY A 40 14.73 2.88 -2.29
N GLN A 41 13.96 2.45 -1.29
CA GLN A 41 13.83 1.03 -0.95
C GLN A 41 12.36 0.56 -0.89
N SER A 42 11.52 1.38 -0.26
CA SER A 42 10.09 1.10 -0.18
C SER A 42 9.44 1.79 -1.31
N VAL A 43 8.82 0.97 -2.16
CA VAL A 43 7.99 1.45 -3.24
C VAL A 43 6.84 2.27 -2.68
N ALA A 44 6.23 1.85 -1.59
CA ALA A 44 5.23 2.68 -0.86
C ALA A 44 5.72 4.10 -0.51
N ALA A 45 6.76 4.17 0.31
CA ALA A 45 7.45 5.44 0.63
C ALA A 45 7.68 6.26 -0.61
N ASP A 46 8.07 5.61 -1.71
CA ASP A 46 8.35 6.33 -2.97
C ASP A 46 7.05 6.87 -3.54
N ILE A 47 5.99 6.06 -3.53
CA ILE A 47 4.72 6.49 -4.15
C ILE A 47 4.11 7.61 -3.32
N ALA A 48 4.32 7.57 -2.02
CA ALA A 48 3.86 8.67 -1.16
C ALA A 48 4.60 9.96 -1.55
N ALA A 49 5.92 9.93 -1.53
CA ALA A 49 6.73 11.11 -1.87
C ALA A 49 6.28 11.67 -3.20
N GLU A 50 5.98 10.76 -4.13
CA GLU A 50 5.62 11.16 -5.46
C GLU A 50 4.23 11.75 -5.52
N ALA A 51 3.33 11.18 -4.73
CA ALA A 51 1.95 11.64 -4.67
C ALA A 51 1.89 13.06 -4.13
N LEU A 52 2.80 13.40 -3.23
CA LEU A 52 2.90 14.76 -2.71
C LEU A 52 3.48 15.80 -3.66
N HIS A 53 4.08 15.35 -4.76
CA HIS A 53 4.67 16.26 -5.73
C HIS A 53 3.76 16.29 -6.95
N GLY A 54 2.47 16.02 -6.76
CA GLY A 54 1.54 16.05 -7.90
C GLY A 54 1.25 14.71 -8.56
N GLU A 55 2.26 13.85 -8.76
CA GLU A 55 2.07 12.51 -9.33
C GLU A 55 0.97 11.68 -8.65
N HIS A 56 0.45 10.69 -9.39
CA HIS A 56 -0.50 9.68 -8.90
C HIS A 56 -1.88 10.27 -8.66
N GLY A 57 -2.33 11.10 -9.61
CA GLY A 57 -3.65 11.71 -9.59
C GLY A 57 -4.08 12.23 -8.24
N ASP A 58 -5.27 11.81 -7.78
CA ASP A 58 -5.87 12.28 -6.51
C ASP A 58 -5.40 11.58 -5.23
N LEU A 59 -4.24 10.93 -5.26
CA LEU A 59 -3.77 10.16 -4.10
C LEU A 59 -3.57 11.00 -2.82
N ALA A 60 -2.90 12.13 -2.96
CA ALA A 60 -2.49 12.95 -1.81
C ALA A 60 -3.67 13.64 -1.15
N SER A 61 -4.79 13.68 -1.86
CA SER A 61 -6.00 14.34 -1.40
C SER A 61 -6.63 13.54 -0.27
N SER A 62 -6.24 12.28 -0.12
CA SER A 62 -6.74 11.46 0.97
C SER A 62 -5.70 11.23 2.08
N VAL A 63 -5.98 11.77 3.26
CA VAL A 63 -5.09 11.67 4.39
C VAL A 63 -4.83 10.23 4.74
N TYR A 64 -5.87 9.41 4.80
CA TYR A 64 -5.68 8.00 5.12
C TYR A 64 -4.95 7.22 4.02
N ALA A 65 -5.00 7.72 2.80
CA ALA A 65 -4.23 7.10 1.71
C ALA A 65 -2.76 7.21 2.00
N MET A 66 -2.29 8.42 2.27
CA MET A 66 -0.88 8.64 2.58
C MET A 66 -0.43 7.92 3.82
N ALA A 67 -1.26 7.97 4.84
CA ALA A 67 -0.91 7.34 6.06
C ALA A 67 -0.81 5.85 5.85
N THR A 68 -1.70 5.31 5.02
CA THR A 68 -1.60 3.88 4.77
C THR A 68 -0.26 3.58 4.05
N LEU A 69 0.11 4.43 3.10
CA LEU A 69 1.38 4.28 2.42
C LEU A 69 2.58 4.33 3.34
N PHE A 70 2.62 5.33 4.23
CA PHE A 70 3.76 5.45 5.16
C PHE A 70 3.74 4.32 6.19
N ALA A 71 2.57 3.88 6.61
CA ALA A 71 2.45 2.70 7.47
C ALA A 71 3.04 1.43 6.85
N LEU A 72 2.64 1.14 5.62
CA LEU A 72 3.12 -0.04 4.90
C LEU A 72 4.63 -0.01 4.73
N ASP A 73 5.19 1.18 4.60
CA ASP A 73 6.66 1.31 4.54
C ASP A 73 7.25 0.82 5.85
N ARG A 74 6.96 1.49 6.94
CA ARG A 74 7.42 0.99 8.21
C ARG A 74 7.16 -0.51 8.38
N ALA A 75 5.91 -0.98 8.26
CA ALA A 75 5.65 -2.45 8.38
C ALA A 75 6.63 -3.31 7.56
N GLY A 76 7.10 -2.81 6.43
CA GLY A 76 8.03 -3.57 5.62
C GLY A 76 9.35 -3.77 6.33
N ALA A 77 9.72 -2.82 7.20
CA ALA A 77 10.95 -2.93 7.98
C ALA A 77 10.79 -3.56 9.39
N VAL A 78 9.61 -4.10 9.69
CA VAL A 78 9.33 -4.63 11.02
C VAL A 78 10.35 -5.68 11.43
N HIS A 79 10.77 -6.54 10.51
CA HIS A 79 11.75 -7.62 10.79
C HIS A 79 13.16 -7.12 11.02
N THR A 80 13.58 -6.08 10.29
CA THR A 80 14.83 -5.39 10.54
C THR A 80 14.83 -4.72 11.93
N ILE A 81 13.77 -4.01 12.29
CA ILE A 81 13.70 -3.31 13.59
C ILE A 81 13.80 -4.37 14.68
N GLN A 82 12.84 -5.27 14.71
CA GLN A 82 12.89 -6.39 15.63
C GLN A 82 14.32 -6.96 15.67
N GLY A 83 14.98 -7.04 14.52
CA GLY A 83 16.34 -7.60 14.42
C GLY A 83 17.46 -6.74 14.93
N LEU A 84 17.32 -5.43 14.80
CA LEU A 84 18.29 -4.54 15.42
C LEU A 84 18.14 -4.54 16.96
N CYS A 85 16.92 -4.60 17.48
CA CYS A 85 16.70 -4.62 18.94
C CYS A 85 17.28 -5.88 19.59
N ARG A 86 17.37 -6.98 18.84
CA ARG A 86 18.04 -8.18 19.37
C ARG A 86 19.56 -8.06 19.32
N GLY A 87 20.08 -7.17 18.49
CA GLY A 87 21.54 -7.10 18.27
C GLY A 87 22.26 -5.88 18.81
N TYR A 88 21.52 -4.86 19.21
CA TYR A 88 22.13 -3.67 19.76
C TYR A 88 21.49 -3.28 21.08
N ASP A 89 22.19 -2.47 21.86
CA ASP A 89 21.67 -2.06 23.18
C ASP A 89 20.60 -1.00 23.00
N VAL A 90 20.80 -0.15 21.99
CA VAL A 90 19.87 0.92 21.60
C VAL A 90 19.61 0.93 20.09
N VAL A 91 18.37 1.17 19.71
CA VAL A 91 18.01 1.36 18.28
C VAL A 91 17.26 2.69 18.17
N ILE A 92 17.81 3.64 17.42
CA ILE A 92 17.17 4.95 17.33
C ILE A 92 16.51 5.07 15.97
N LEU A 93 15.23 5.44 15.96
CA LEU A 93 14.46 5.56 14.74
C LEU A 93 14.13 7.00 14.48
N ASP A 94 14.62 7.54 13.37
CA ASP A 94 14.31 8.94 12.93
C ASP A 94 12.96 8.91 12.20
N ARG A 95 11.93 9.40 12.85
CA ARG A 95 10.51 9.25 12.46
C ARG A 95 10.06 7.84 12.64
N TYR A 96 8.86 7.64 13.17
CA TYR A 96 8.29 6.32 13.38
C TYR A 96 6.78 6.49 13.50
N VAL A 97 6.10 5.64 14.27
CA VAL A 97 4.66 5.48 14.06
C VAL A 97 3.93 6.81 14.35
N ALA A 98 4.46 7.56 15.32
CA ALA A 98 3.82 8.81 15.73
C ALA A 98 3.92 9.92 14.70
N SER A 99 4.81 9.76 13.73
CA SER A 99 4.77 10.61 12.54
C SER A 99 3.43 10.56 11.84
N ASN A 100 2.87 9.38 11.73
CA ASN A 100 1.60 9.18 11.00
C ASN A 100 0.44 9.84 11.77
N ALA A 101 0.46 9.71 13.11
CA ALA A 101 -0.58 10.32 13.94
C ALA A 101 -0.52 11.82 13.85
N ALA A 102 0.69 12.42 13.90
CA ALA A 102 0.77 13.89 13.94
C ALA A 102 0.33 14.44 12.61
N TYR A 103 0.83 13.86 11.51
CA TYR A 103 0.60 14.46 10.18
C TYR A 103 -0.83 14.30 9.72
N SER A 104 -1.50 13.21 10.14
CA SER A 104 -2.90 12.92 9.79
C SER A 104 -3.86 13.71 10.62
N ALA A 105 -3.67 13.71 11.92
CA ALA A 105 -4.49 14.51 12.81
C ALA A 105 -4.43 15.96 12.37
N ALA A 106 -3.22 16.43 12.15
CA ALA A 106 -3.05 17.80 11.75
C ALA A 106 -3.81 18.12 10.46
N ARG A 107 -3.76 17.23 9.45
CA ARG A 107 -4.42 17.54 8.17
C ARG A 107 -5.91 17.41 8.29
N LEU A 108 -6.34 16.49 9.13
CA LEU A 108 -7.77 16.34 9.41
C LEU A 108 -8.34 17.31 10.49
N HIS A 109 -7.53 18.26 10.98
CA HIS A 109 -7.92 19.13 12.07
C HIS A 109 -8.49 18.34 13.28
N GLU A 110 -7.86 17.27 13.64
CA GLU A 110 -8.23 16.49 14.80
C GLU A 110 -7.12 16.65 15.82
N ASN A 111 -7.46 16.22 17.03
CA ASN A 111 -6.54 16.20 18.14
C ASN A 111 -6.10 14.78 18.53
N ALA A 112 -5.06 14.74 19.35
CA ALA A 112 -4.48 13.46 19.78
C ALA A 112 -5.55 12.43 20.26
N ALA A 113 -6.64 12.89 20.89
CA ALA A 113 -7.69 11.96 21.36
C ALA A 113 -8.66 11.46 20.27
N GLY A 114 -8.36 11.80 19.03
CA GLY A 114 -9.24 11.58 17.92
C GLY A 114 -9.08 10.32 17.11
N LYS A 115 -9.79 10.29 15.99
CA LYS A 115 -9.94 9.06 15.25
C LYS A 115 -8.66 8.64 14.54
N ALA A 116 -8.07 9.56 13.78
CA ALA A 116 -6.81 9.30 13.06
C ALA A 116 -5.74 8.67 13.92
N ALA A 117 -5.49 9.32 15.06
CA ALA A 117 -4.42 8.94 15.96
C ALA A 117 -4.68 7.56 16.56
N ALA A 118 -5.96 7.26 16.81
CA ALA A 118 -6.40 5.96 17.28
C ALA A 118 -6.23 4.94 16.17
N TRP A 119 -6.59 5.32 14.94
CA TRP A 119 -6.48 4.44 13.78
C TRP A 119 -5.04 4.04 13.50
N VAL A 120 -4.14 5.03 13.47
CA VAL A 120 -2.71 4.77 13.34
C VAL A 120 -2.27 3.70 14.35
N GLN A 121 -2.76 3.76 15.58
CA GLN A 121 -2.33 2.75 16.55
C GLN A 121 -2.82 1.36 16.21
N ARG A 122 -4.09 1.25 15.82
CA ARG A 122 -4.64 -0.06 15.48
C ARG A 122 -3.89 -0.62 14.28
N ILE A 123 -3.65 0.21 13.28
CA ILE A 123 -3.06 -0.30 12.07
C ILE A 123 -1.58 -0.66 12.31
N GLU A 124 -0.79 0.31 12.76
CA GLU A 124 0.64 0.14 12.81
C GLU A 124 1.12 -0.78 13.92
N PHE A 125 0.70 -0.52 15.16
CA PHE A 125 1.12 -1.37 16.30
C PHE A 125 0.32 -2.70 16.44
N ALA A 126 -0.99 -2.64 16.38
CA ALA A 126 -1.79 -3.85 16.62
C ALA A 126 -1.75 -4.69 15.37
N ARG A 127 -2.51 -4.26 14.38
CA ARG A 127 -2.64 -5.01 13.13
C ARG A 127 -1.32 -5.38 12.47
N LEU A 128 -0.55 -4.38 12.05
CA LEU A 128 0.78 -4.60 11.41
C LEU A 128 1.93 -5.05 12.38
N GLY A 129 1.73 -5.02 13.70
CA GLY A 129 2.71 -5.61 14.63
C GLY A 129 4.03 -4.88 14.85
N LEU A 130 4.09 -3.62 14.46
CA LEU A 130 5.26 -2.82 14.74
C LEU A 130 5.46 -2.71 16.26
N PRO A 131 6.72 -2.74 16.74
CA PRO A 131 6.86 -2.69 18.20
C PRO A 131 6.70 -1.26 18.72
N LYS A 132 6.06 -1.12 19.87
CA LYS A 132 5.94 0.20 20.50
C LYS A 132 7.32 0.65 20.98
N PRO A 133 7.65 1.91 20.74
CA PRO A 133 8.94 2.42 21.21
C PRO A 133 8.93 2.58 22.70
N ASP A 134 10.05 2.31 23.34
CA ASP A 134 10.20 2.49 24.79
C ASP A 134 10.19 3.96 25.13
N TRP A 135 10.80 4.79 24.26
CA TRP A 135 10.71 6.28 24.36
C TRP A 135 10.45 6.98 23.02
N GLN A 136 9.69 8.06 23.02
CA GLN A 136 9.59 8.90 21.82
C GLN A 136 9.97 10.29 22.22
N VAL A 137 10.95 10.85 21.53
CA VAL A 137 11.54 12.11 21.86
C VAL A 137 11.11 13.13 20.84
N LEU A 138 10.28 14.08 21.26
CA LEU A 138 9.89 15.14 20.33
C LEU A 138 10.92 16.26 20.30
N LEU A 139 11.44 16.57 19.10
CA LEU A 139 12.30 17.72 18.91
C LEU A 139 11.41 18.86 18.45
N ALA A 140 11.15 19.78 19.36
CA ALA A 140 10.20 20.83 19.18
C ALA A 140 11.00 22.11 19.19
N VAL A 141 11.11 22.70 18.01
CA VAL A 141 11.94 23.89 17.77
C VAL A 141 11.06 24.94 17.09
N SER A 142 11.31 26.22 17.38
CA SER A 142 10.77 27.34 16.57
C SER A 142 10.78 27.04 15.06
N ASP A 168 3.91 24.12 3.73
CA ASP A 168 2.69 24.76 4.18
C ASP A 168 2.85 25.12 5.67
N ALA A 169 2.98 26.41 5.98
CA ALA A 169 3.48 26.83 7.30
C ALA A 169 2.49 26.68 8.45
N GLU A 170 1.20 26.92 8.17
CA GLU A 170 0.13 26.73 9.17
C GLU A 170 0.09 25.25 9.55
N LEU A 171 -0.04 24.40 8.54
CA LEU A 171 0.00 22.97 8.71
C LEU A 171 1.24 22.50 9.45
N GLN A 172 2.42 23.04 9.09
CA GLN A 172 3.65 22.66 9.78
C GLN A 172 3.64 23.10 11.24
N GLN A 173 3.20 24.33 11.52
CA GLN A 173 2.93 24.78 12.93
C GLN A 173 1.98 23.81 13.64
N ARG A 174 0.87 23.49 13.01
CA ARG A 174 -0.19 22.72 13.67
C ARG A 174 0.22 21.29 13.92
N THR A 175 0.85 20.68 12.93
CA THR A 175 1.48 19.35 13.09
C THR A 175 2.47 19.39 14.23
N GLY A 176 3.20 20.49 14.36
CA GLY A 176 4.14 20.64 15.49
C GLY A 176 3.38 20.49 16.82
N ALA A 177 2.24 21.17 16.86
CA ALA A 177 1.37 21.28 18.02
C ALA A 177 0.76 19.94 18.36
N VAL A 178 0.27 19.20 17.36
CA VAL A 178 -0.27 17.86 17.59
C VAL A 178 0.78 16.91 18.17
N TYR A 179 1.97 16.91 17.58
CA TYR A 179 3.07 16.08 18.08
C TYR A 179 3.13 16.28 19.57
N ALA A 180 3.08 17.54 19.97
CA ALA A 180 3.20 17.91 21.37
C ALA A 180 1.98 17.47 22.13
N GLU A 181 0.81 17.39 21.49
CA GLU A 181 -0.35 16.80 22.16
CA GLU A 181 -0.33 16.81 22.19
C GLU A 181 -0.07 15.32 22.40
N LEU A 182 0.55 14.66 21.44
CA LEU A 182 0.90 13.25 21.66
C LEU A 182 1.87 13.10 22.83
N ALA A 183 2.89 13.95 22.91
CA ALA A 183 3.81 13.88 24.01
C ALA A 183 3.07 14.00 25.34
N ALA A 184 2.05 14.84 25.36
CA ALA A 184 1.39 15.23 26.60
C ALA A 184 0.46 14.13 27.07
N GLN A 185 -0.02 13.36 26.09
CA GLN A 185 -0.97 12.26 26.35
C GLN A 185 -0.22 10.95 26.60
N GLY A 186 1.06 10.91 26.28
CA GLY A 186 1.83 9.69 26.42
C GLY A 186 1.35 8.69 25.38
N TRP A 187 1.07 9.17 24.16
CA TRP A 187 0.49 8.37 23.12
C TRP A 187 1.52 7.39 22.67
N GLY A 188 1.18 6.10 22.68
CA GLY A 188 2.08 5.08 22.19
C GLY A 188 3.05 4.70 23.27
N GLY A 189 3.19 5.52 24.29
CA GLY A 189 4.13 5.21 25.36
C GLY A 189 4.76 6.46 25.94
N ARG A 190 5.81 6.28 26.72
CA ARG A 190 6.53 7.38 27.32
C ARG A 190 7.19 8.29 26.28
N TRP A 191 7.09 9.60 26.51
CA TRP A 191 7.77 10.61 25.71
C TRP A 191 8.66 11.52 26.54
N LEU A 192 9.38 12.37 25.79
CA LEU A 192 10.16 13.47 26.28
C LEU A 192 10.19 14.56 25.20
N VAL A 193 10.07 15.82 25.59
CA VAL A 193 10.10 16.92 24.64
C VAL A 193 11.36 17.68 24.94
N VAL A 194 12.09 17.98 23.87
CA VAL A 194 13.39 18.63 23.96
C VAL A 194 13.44 19.73 22.92
N GLY A 195 14.33 20.68 23.13
CA GLY A 195 14.64 21.67 22.11
C GLY A 195 16.03 21.58 21.52
N ALA A 196 16.41 22.63 20.81
CA ALA A 196 17.50 22.57 19.81
C ALA A 196 18.84 22.35 20.45
N ASP A 197 18.97 22.76 21.73
CA ASP A 197 20.23 22.67 22.45
C ASP A 197 20.18 21.76 23.68
N VAL A 198 19.38 20.71 23.61
CA VAL A 198 19.39 19.70 24.64
C VAL A 198 20.78 19.07 24.68
N ASP A 199 21.32 18.90 25.89
CA ASP A 199 22.61 18.28 26.11
C ASP A 199 22.42 16.80 25.82
N PRO A 200 23.20 16.24 24.88
CA PRO A 200 23.11 14.81 24.52
C PRO A 200 23.47 13.81 25.60
N GLY A 201 24.46 14.11 26.41
CA GLY A 201 24.85 13.20 27.48
C GLY A 201 23.70 13.01 28.45
N ARG A 202 23.10 14.13 28.87
CA ARG A 202 22.00 14.11 29.82
C ARG A 202 20.78 13.41 29.29
N LEU A 203 20.40 13.76 28.08
CA LEU A 203 19.26 13.13 27.47
C LEU A 203 19.50 11.66 27.30
N ALA A 204 20.69 11.27 26.83
CA ALA A 204 21.11 9.84 26.74
C ALA A 204 20.99 9.11 28.06
N ALA A 205 21.38 9.75 29.17
CA ALA A 205 21.35 9.08 30.49
C ALA A 205 19.92 8.96 31.03
N THR A 206 19.05 9.91 30.70
CA THR A 206 17.60 9.75 30.96
C THR A 206 17.01 8.62 30.18
N LEU A 207 17.37 8.52 28.90
CA LEU A 207 16.70 7.52 28.00
C LEU A 207 17.20 6.10 28.19
N ALA A 208 18.33 5.92 28.85
CA ALA A 208 18.93 4.59 29.05
C ALA A 208 18.53 3.99 30.40
N PRO A 209 18.65 2.66 30.53
CA PRO A 209 18.57 2.03 31.86
C PRO A 209 19.75 2.43 32.77
N VAL B 1 1.28 -20.85 -20.70
CA VAL B 1 0.30 -19.72 -20.85
C VAL B 1 -0.18 -19.07 -19.53
N LEU B 2 -0.22 -17.74 -19.55
CA LEU B 2 -0.73 -16.94 -18.44
C LEU B 2 -2.02 -16.21 -18.85
N ILE B 3 -3.13 -16.49 -18.16
CA ILE B 3 -4.47 -16.06 -18.59
C ILE B 3 -5.21 -15.30 -17.48
N ALA B 4 -5.89 -14.20 -17.83
CA ALA B 4 -6.69 -13.41 -16.85
C ALA B 4 -8.15 -13.32 -17.31
N ILE B 5 -9.02 -13.80 -16.42
CA ILE B 5 -10.45 -13.66 -16.61
C ILE B 5 -10.82 -12.32 -16.00
N GLU B 6 -11.53 -11.49 -16.77
CA GLU B 6 -11.88 -10.14 -16.32
C GLU B 6 -13.36 -9.92 -16.55
N GLY B 7 -13.93 -8.88 -15.97
CA GLY B 7 -15.36 -8.62 -16.04
C GLY B 7 -15.85 -8.07 -14.74
N VAL B 8 -17.08 -7.59 -14.71
CA VAL B 8 -17.61 -6.85 -13.58
C VAL B 8 -18.38 -7.76 -12.68
N ASP B 9 -18.72 -7.23 -11.51
CA ASP B 9 -19.24 -8.04 -10.41
C ASP B 9 -20.53 -8.82 -10.75
N GLY B 10 -20.48 -10.14 -10.54
CA GLY B 10 -21.64 -11.00 -10.84
C GLY B 10 -21.65 -11.42 -12.30
N ALA B 11 -20.63 -10.97 -13.06
CA ALA B 11 -20.43 -11.44 -14.43
C ALA B 11 -20.41 -12.99 -14.39
N GLY B 12 -19.83 -13.55 -13.31
CA GLY B 12 -19.75 -15.00 -13.07
C GLY B 12 -18.41 -15.56 -13.51
N LYS B 13 -17.34 -14.84 -13.18
CA LYS B 13 -15.97 -15.24 -13.56
C LYS B 13 -15.46 -16.48 -12.85
N ARG B 14 -15.77 -16.59 -11.58
CA ARG B 14 -15.40 -17.78 -10.83
C ARG B 14 -15.84 -19.04 -11.61
N THR B 15 -17.11 -19.10 -12.03
CA THR B 15 -17.62 -20.27 -12.81
C THR B 15 -16.80 -20.52 -14.08
N LEU B 16 -16.56 -19.46 -14.83
CA LEU B 16 -15.74 -19.53 -16.03
C LEU B 16 -14.35 -20.07 -15.72
N VAL B 17 -13.77 -19.64 -14.60
CA VAL B 17 -12.46 -20.15 -14.17
C VAL B 17 -12.51 -21.67 -13.92
N GLU B 18 -13.54 -22.10 -13.18
CA GLU B 18 -13.71 -23.50 -12.87
C GLU B 18 -13.80 -24.32 -14.13
N LYS B 19 -14.69 -23.89 -15.03
CA LYS B 19 -15.00 -24.61 -16.27
C LYS B 19 -13.82 -24.64 -17.23
N LEU B 20 -13.06 -23.55 -17.22
CA LEU B 20 -11.87 -23.43 -18.06
C LEU B 20 -10.76 -24.32 -17.50
N SER B 21 -10.56 -24.28 -16.19
CA SER B 21 -9.72 -25.28 -15.53
C SER B 21 -9.99 -26.68 -16.07
N GLY B 22 -11.12 -27.29 -15.69
CA GLY B 22 -11.49 -28.63 -16.18
C GLY B 22 -11.15 -28.89 -17.66
N ALA B 23 -11.52 -27.95 -18.53
CA ALA B 23 -11.31 -28.09 -19.97
C ALA B 23 -9.84 -28.36 -20.28
N PHE B 24 -8.97 -27.59 -19.65
CA PHE B 24 -7.54 -27.69 -19.85
C PHE B 24 -7.04 -29.01 -19.32
N ARG B 25 -7.33 -29.29 -18.05
CA ARG B 25 -6.93 -30.56 -17.39
C ARG B 25 -7.35 -31.82 -18.17
N ALA B 26 -8.64 -31.94 -18.45
CA ALA B 26 -9.15 -32.98 -19.31
C ALA B 26 -8.44 -33.06 -20.67
N ALA B 27 -7.68 -32.03 -21.05
CA ALA B 27 -6.89 -32.06 -22.29
C ALA B 27 -5.43 -32.38 -22.02
N GLY B 28 -5.11 -32.72 -20.77
CA GLY B 28 -3.78 -33.19 -20.40
C GLY B 28 -2.86 -32.10 -19.84
N ARG B 29 -3.46 -31.00 -19.39
CA ARG B 29 -2.72 -29.79 -18.94
C ARG B 29 -2.85 -29.52 -17.45
N SER B 30 -1.71 -29.17 -16.85
CA SER B 30 -1.65 -28.80 -15.45
C SER B 30 -2.17 -27.37 -15.31
N VAL B 31 -3.07 -27.11 -14.36
CA VAL B 31 -3.62 -25.76 -14.19
C VAL B 31 -3.48 -25.28 -12.74
N ALA B 32 -2.79 -24.15 -12.55
CA ALA B 32 -2.89 -23.41 -11.27
C ALA B 32 -3.83 -22.24 -11.47
N THR B 33 -4.66 -22.00 -10.44
CA THR B 33 -5.55 -20.83 -10.41
C THR B 33 -5.33 -19.99 -9.15
N LEU B 34 -5.38 -18.67 -9.31
CA LEU B 34 -5.17 -17.72 -8.23
C LEU B 34 -6.08 -16.50 -8.45
N ALA B 35 -6.53 -15.87 -7.36
CA ALA B 35 -7.61 -14.87 -7.40
C ALA B 35 -7.23 -13.57 -6.71
N PHE B 36 -7.63 -12.44 -7.32
CA PHE B 36 -7.39 -11.11 -6.76
C PHE B 36 -8.67 -10.38 -6.60
N PRO B 37 -8.75 -9.46 -5.65
CA PRO B 37 -7.73 -9.16 -4.66
C PRO B 37 -7.57 -10.33 -3.71
N ARG B 38 -6.38 -10.47 -3.15
CA ARG B 38 -6.06 -11.54 -2.22
C ARG B 38 -6.49 -11.18 -0.82
N TYR B 39 -7.80 -11.19 -0.60
CA TYR B 39 -8.36 -10.97 0.73
C TYR B 39 -7.90 -12.10 1.66
N GLY B 40 -7.56 -11.72 2.89
CA GLY B 40 -7.12 -12.67 3.89
C GLY B 40 -5.64 -13.01 3.84
N GLN B 41 -4.99 -12.73 2.70
CA GLN B 41 -3.57 -13.00 2.49
C GLN B 41 -2.71 -11.72 2.31
N SER B 42 -3.33 -10.59 1.98
CA SER B 42 -2.60 -9.35 1.70
C SER B 42 -3.16 -8.24 2.57
N VAL B 43 -2.30 -7.54 3.29
CA VAL B 43 -2.74 -6.43 4.12
C VAL B 43 -3.45 -5.38 3.27
N ALA B 44 -2.83 -5.06 2.14
CA ALA B 44 -3.36 -4.04 1.25
C ALA B 44 -4.75 -4.42 0.71
N ALA B 45 -4.89 -5.62 0.13
CA ALA B 45 -6.22 -6.08 -0.27
C ALA B 45 -7.24 -5.88 0.88
N ASP B 46 -6.95 -6.38 2.07
CA ASP B 46 -7.89 -6.24 3.17
C ASP B 46 -8.26 -4.80 3.48
N ILE B 47 -7.29 -3.90 3.48
CA ILE B 47 -7.50 -2.49 3.76
C ILE B 47 -8.29 -1.81 2.66
N ALA B 48 -8.13 -2.29 1.43
CA ALA B 48 -8.93 -1.77 0.31
C ALA B 48 -10.38 -2.21 0.48
N ALA B 49 -10.60 -3.50 0.77
CA ALA B 49 -11.94 -4.04 0.99
C ALA B 49 -12.56 -3.22 2.06
N GLU B 50 -11.91 -3.21 3.22
CA GLU B 50 -12.42 -2.54 4.41
C GLU B 50 -12.84 -1.10 4.13
N ALA B 51 -12.09 -0.42 3.27
CA ALA B 51 -12.37 0.97 2.94
C ALA B 51 -13.65 1.14 2.09
N LEU B 52 -14.03 0.10 1.34
CA LEU B 52 -15.26 0.13 0.54
C LEU B 52 -16.49 -0.10 1.39
N HIS B 53 -16.31 -0.51 2.64
CA HIS B 53 -17.43 -0.58 3.62
C HIS B 53 -17.35 0.59 4.64
N GLY B 54 -16.83 1.74 4.23
CA GLY B 54 -16.76 2.91 5.12
C GLY B 54 -15.69 2.96 6.22
N GLU B 55 -14.77 2.00 6.25
CA GLU B 55 -13.63 2.05 7.19
C GLU B 55 -12.56 2.98 6.65
N HIS B 56 -11.58 3.27 7.51
CA HIS B 56 -10.35 3.96 7.12
C HIS B 56 -10.63 5.34 6.53
N GLY B 57 -11.54 6.04 7.21
CA GLY B 57 -11.80 7.43 6.91
C GLY B 57 -12.03 7.68 5.45
N ASP B 58 -11.19 8.53 4.88
CA ASP B 58 -11.36 9.05 3.51
C ASP B 58 -10.55 8.30 2.48
N LEU B 59 -10.06 7.10 2.81
CA LEU B 59 -9.29 6.30 1.87
C LEU B 59 -10.04 6.08 0.56
N ALA B 60 -11.32 5.70 0.67
CA ALA B 60 -12.16 5.32 -0.48
C ALA B 60 -12.41 6.42 -1.46
N SER B 61 -12.27 7.67 -1.04
CA SER B 61 -12.67 8.82 -1.87
C SER B 61 -11.57 9.22 -2.87
N SER B 62 -10.45 8.50 -2.85
CA SER B 62 -9.38 8.69 -3.81
C SER B 62 -9.31 7.47 -4.70
N VAL B 63 -9.48 7.69 -5.99
CA VAL B 63 -9.52 6.57 -6.88
C VAL B 63 -8.12 6.00 -6.93
N TYR B 64 -7.12 6.86 -7.08
CA TYR B 64 -5.75 6.38 -7.22
C TYR B 64 -5.23 5.72 -5.95
N ALA B 65 -5.72 6.18 -4.79
CA ALA B 65 -5.35 5.55 -3.53
C ALA B 65 -5.86 4.13 -3.52
N MET B 66 -7.09 3.93 -3.93
CA MET B 66 -7.63 2.56 -3.97
C MET B 66 -6.94 1.71 -5.07
N ALA B 67 -6.66 2.33 -6.21
CA ALA B 67 -5.91 1.68 -7.25
C ALA B 67 -4.58 1.25 -6.76
N THR B 68 -3.88 2.16 -6.07
CA THR B 68 -2.57 1.84 -5.57
C THR B 68 -2.63 0.59 -4.68
N LEU B 69 -3.61 0.46 -3.80
CA LEU B 69 -3.57 -0.64 -2.84
C LEU B 69 -3.78 -2.01 -3.48
N PHE B 70 -4.66 -2.07 -4.49
CA PHE B 70 -4.87 -3.31 -5.23
C PHE B 70 -3.60 -3.64 -5.99
N ALA B 71 -2.98 -2.61 -6.56
CA ALA B 71 -1.73 -2.81 -7.27
C ALA B 71 -0.69 -3.39 -6.33
N LEU B 72 -0.65 -2.89 -5.10
CA LEU B 72 0.36 -3.34 -4.12
C LEU B 72 0.06 -4.78 -3.70
N ASP B 73 -1.20 -5.09 -3.59
CA ASP B 73 -1.58 -6.47 -3.40
C ASP B 73 -0.93 -7.31 -4.52
N ARG B 74 -1.23 -7.01 -5.78
CA ARG B 74 -0.72 -7.79 -6.92
C ARG B 74 0.79 -7.86 -6.97
N ALA B 75 1.47 -6.75 -6.74
CA ALA B 75 2.96 -6.76 -6.67
C ALA B 75 3.41 -7.69 -5.56
N GLY B 76 2.72 -7.63 -4.41
CA GLY B 76 2.84 -8.61 -3.33
C GLY B 76 2.90 -10.05 -3.82
N ALA B 77 2.30 -10.30 -4.99
CA ALA B 77 2.22 -11.67 -5.54
C ALA B 77 3.13 -11.98 -6.73
N VAL B 78 3.99 -11.05 -7.14
CA VAL B 78 4.74 -11.22 -8.40
C VAL B 78 5.65 -12.44 -8.38
N HIS B 79 6.18 -12.77 -7.22
CA HIS B 79 7.07 -13.93 -7.17
C HIS B 79 6.23 -15.20 -7.23
N THR B 80 5.08 -15.20 -6.55
CA THR B 80 4.21 -16.34 -6.57
C THR B 80 3.80 -16.62 -8.00
N ILE B 81 3.27 -15.58 -8.65
CA ILE B 81 2.82 -15.67 -10.05
C ILE B 81 3.89 -16.27 -10.97
N GLN B 82 5.11 -15.75 -10.95
CA GLN B 82 6.21 -16.38 -11.74
C GLN B 82 6.53 -17.82 -11.33
N GLY B 83 6.24 -18.17 -10.08
CA GLY B 83 6.43 -19.51 -9.56
C GLY B 83 5.41 -20.48 -10.09
N LEU B 84 4.13 -20.08 -10.02
CA LEU B 84 3.07 -20.84 -10.66
C LEU B 84 3.24 -20.92 -12.19
N CYS B 85 3.92 -19.98 -12.84
CA CYS B 85 4.16 -20.12 -14.27
C CYS B 85 5.23 -21.14 -14.55
N ARG B 86 6.11 -21.36 -13.60
CA ARG B 86 7.18 -22.29 -13.83
C ARG B 86 6.63 -23.69 -13.66
N GLY B 87 6.00 -23.95 -12.51
CA GLY B 87 5.42 -25.28 -12.26
C GLY B 87 4.29 -25.76 -13.19
N TYR B 88 3.48 -24.83 -13.74
CA TYR B 88 2.21 -25.20 -14.38
C TYR B 88 2.14 -24.86 -15.89
N ASP B 89 1.29 -25.58 -16.60
CA ASP B 89 1.12 -25.38 -18.02
C ASP B 89 0.27 -24.16 -18.26
N VAL B 90 -0.74 -23.99 -17.39
CA VAL B 90 -1.66 -22.87 -17.48
C VAL B 90 -1.83 -22.20 -16.12
N VAL B 91 -1.74 -20.88 -16.09
CA VAL B 91 -2.04 -20.12 -14.90
C VAL B 91 -3.22 -19.23 -15.22
N ILE B 92 -4.24 -19.35 -14.41
CA ILE B 92 -5.46 -18.62 -14.58
C ILE B 92 -5.59 -17.66 -13.39
N LEU B 93 -5.44 -16.36 -13.68
CA LEU B 93 -5.74 -15.32 -12.68
C LEU B 93 -7.20 -14.86 -12.75
N ASP B 94 -7.90 -14.90 -11.63
CA ASP B 94 -9.27 -14.42 -11.55
C ASP B 94 -9.17 -12.99 -11.06
N ARG B 95 -9.39 -12.07 -12.00
CA ARG B 95 -9.03 -10.68 -11.91
C ARG B 95 -7.52 -10.53 -12.03
N TYR B 96 -7.07 -9.49 -12.71
CA TYR B 96 -5.66 -9.12 -12.70
C TYR B 96 -5.61 -7.61 -12.87
N VAL B 97 -4.63 -7.11 -13.59
CA VAL B 97 -4.29 -5.70 -13.68
C VAL B 97 -5.29 -4.88 -14.48
N ALA B 98 -5.95 -5.49 -15.46
CA ALA B 98 -6.98 -4.78 -16.22
C ALA B 98 -8.09 -4.27 -15.32
N SER B 99 -8.43 -5.02 -14.28
CA SER B 99 -9.48 -4.59 -13.32
C SER B 99 -9.21 -3.23 -12.73
N ASN B 100 -7.94 -2.94 -12.53
CA ASN B 100 -7.55 -1.69 -11.94
C ASN B 100 -7.82 -0.60 -12.96
N ALA B 101 -7.56 -0.91 -14.23
CA ALA B 101 -7.67 0.09 -15.28
C ALA B 101 -9.14 0.43 -15.53
N ALA B 102 -9.95 -0.62 -15.53
CA ALA B 102 -11.38 -0.48 -15.79
C ALA B 102 -12.10 0.22 -14.66
N TYR B 103 -11.97 -0.28 -13.44
CA TYR B 103 -12.67 0.33 -12.31
C TYR B 103 -12.19 1.76 -12.01
N SER B 104 -10.89 2.01 -12.16
CA SER B 104 -10.31 3.36 -12.00
C SER B 104 -10.88 4.32 -13.02
N ALA B 105 -10.72 4.00 -14.30
CA ALA B 105 -11.26 4.82 -15.39
C ALA B 105 -12.71 5.10 -15.17
N ALA B 106 -13.45 4.03 -14.89
CA ALA B 106 -14.89 4.10 -14.65
C ALA B 106 -15.17 5.11 -13.55
N ARG B 107 -14.52 4.98 -12.40
CA ARG B 107 -14.76 5.90 -11.26
C ARG B 107 -14.53 7.37 -11.61
N LEU B 108 -13.57 7.59 -12.50
CA LEU B 108 -13.22 8.92 -12.96
C LEU B 108 -14.04 9.35 -14.20
N HIS B 109 -15.07 8.59 -14.55
CA HIS B 109 -15.77 8.74 -15.84
C HIS B 109 -14.76 8.96 -16.99
N GLU B 110 -13.69 8.19 -16.99
CA GLU B 110 -12.74 8.19 -18.09
C GLU B 110 -13.01 6.98 -18.95
N ASN B 111 -12.26 6.87 -20.03
CA ASN B 111 -12.44 5.77 -20.96
C ASN B 111 -11.09 5.14 -21.10
N ALA B 112 -10.97 4.18 -22.00
CA ALA B 112 -9.78 3.35 -22.08
C ALA B 112 -8.53 4.11 -22.53
N ALA B 113 -8.70 5.28 -23.15
CA ALA B 113 -7.54 6.09 -23.61
C ALA B 113 -7.15 7.16 -22.59
N GLY B 114 -7.82 7.17 -21.44
CA GLY B 114 -7.60 8.18 -20.41
C GLY B 114 -6.34 7.94 -19.60
N LYS B 115 -6.18 8.79 -18.57
CA LYS B 115 -4.95 8.90 -17.79
C LYS B 115 -4.81 7.78 -16.77
N ALA B 116 -5.91 7.39 -16.14
CA ALA B 116 -5.90 6.30 -15.15
C ALA B 116 -5.43 4.95 -15.71
N ALA B 117 -5.91 4.62 -16.92
CA ALA B 117 -5.60 3.39 -17.57
C ALA B 117 -4.14 3.41 -18.01
N ALA B 118 -3.62 4.53 -18.48
CA ALA B 118 -2.18 4.61 -18.83
C ALA B 118 -1.31 4.46 -17.58
N TRP B 119 -1.73 5.12 -16.51
CA TRP B 119 -1.07 5.03 -15.19
C TRP B 119 -1.01 3.64 -14.63
N VAL B 120 -2.11 2.89 -14.67
CA VAL B 120 -2.13 1.52 -14.19
C VAL B 120 -1.14 0.64 -14.94
N GLN B 121 -1.03 0.86 -16.26
CA GLN B 121 -0.05 0.15 -17.10
C GLN B 121 1.35 0.50 -16.58
N ARG B 122 1.62 1.79 -16.40
CA ARG B 122 2.98 2.22 -16.02
C ARG B 122 3.36 1.64 -14.67
N ILE B 123 2.41 1.64 -13.74
CA ILE B 123 2.75 1.23 -12.40
C ILE B 123 2.83 -0.26 -12.25
N GLU B 124 1.81 -0.97 -12.69
CA GLU B 124 1.77 -2.40 -12.43
C GLU B 124 2.75 -3.16 -13.30
N PHE B 125 2.70 -2.91 -14.60
CA PHE B 125 3.56 -3.64 -15.53
C PHE B 125 5.02 -3.20 -15.55
N ALA B 126 5.27 -1.92 -15.73
CA ALA B 126 6.62 -1.37 -15.80
C ALA B 126 7.25 -1.24 -14.40
N ARG B 127 6.72 -0.35 -13.58
CA ARG B 127 7.39 -0.08 -12.33
C ARG B 127 7.41 -1.28 -11.35
N LEU B 128 6.26 -1.83 -11.03
CA LEU B 128 6.18 -2.97 -10.10
C LEU B 128 6.54 -4.34 -10.75
N GLY B 129 6.60 -4.40 -12.07
CA GLY B 129 7.07 -5.61 -12.76
C GLY B 129 6.14 -6.81 -12.83
N LEU B 130 4.83 -6.58 -12.87
CA LEU B 130 3.89 -7.69 -12.97
C LEU B 130 4.02 -8.25 -14.38
N PRO B 131 3.91 -9.56 -14.53
CA PRO B 131 4.03 -10.03 -15.92
C PRO B 131 2.76 -9.71 -16.71
N LYS B 132 2.94 -9.22 -17.94
CA LYS B 132 1.81 -9.03 -18.85
C LYS B 132 1.20 -10.39 -19.19
N PRO B 133 -0.13 -10.47 -19.29
CA PRO B 133 -0.70 -11.78 -19.55
C PRO B 133 -0.71 -12.17 -21.03
N ASP B 134 -0.68 -13.47 -21.29
CA ASP B 134 -0.63 -13.93 -22.66
C ASP B 134 -1.97 -13.63 -23.28
N TRP B 135 -3.04 -13.95 -22.53
CA TRP B 135 -4.41 -13.66 -22.92
C TRP B 135 -5.14 -12.97 -21.78
N GLN B 136 -5.99 -12.01 -22.14
CA GLN B 136 -6.98 -11.49 -21.19
C GLN B 136 -8.34 -11.82 -21.74
N VAL B 137 -9.08 -12.60 -20.98
CA VAL B 137 -10.44 -12.99 -21.36
C VAL B 137 -11.45 -12.09 -20.65
N LEU B 138 -12.27 -11.37 -21.43
CA LEU B 138 -13.37 -10.54 -20.89
C LEU B 138 -14.68 -11.28 -20.92
N LEU B 139 -15.32 -11.41 -19.77
CA LEU B 139 -16.63 -12.08 -19.74
C LEU B 139 -17.62 -10.98 -19.61
N ALA B 140 -18.18 -10.61 -20.77
CA ALA B 140 -18.89 -9.37 -20.92
C ALA B 140 -20.34 -9.59 -20.55
N VAL B 141 -21.00 -8.56 -20.02
CA VAL B 141 -22.45 -8.56 -19.73
C VAL B 141 -23.05 -7.24 -20.23
N SER B 142 -24.36 -7.15 -20.35
CA SER B 142 -25.01 -5.91 -20.81
C SER B 142 -25.01 -4.83 -19.72
N ALA B 143 -25.50 -3.64 -20.08
CA ALA B 143 -25.67 -2.57 -19.11
C ALA B 143 -26.73 -2.99 -18.07
N GLU B 144 -27.72 -3.79 -18.50
CA GLU B 144 -28.80 -4.27 -17.60
C GLU B 144 -28.26 -4.76 -16.28
N ASP B 168 -22.62 -0.59 -6.37
CA ASP B 168 -22.92 0.70 -6.99
C ASP B 168 -23.35 0.48 -8.46
N ALA B 169 -24.62 0.74 -8.75
CA ALA B 169 -25.28 0.32 -9.99
C ALA B 169 -24.65 0.93 -11.24
N GLU B 170 -24.53 2.26 -11.23
CA GLU B 170 -23.99 3.03 -12.37
C GLU B 170 -22.52 2.74 -12.71
N LEU B 171 -21.70 2.52 -11.67
CA LEU B 171 -20.25 2.32 -11.82
C LEU B 171 -20.00 1.05 -12.62
N GLN B 172 -20.62 -0.04 -12.19
CA GLN B 172 -20.37 -1.34 -12.82
C GLN B 172 -20.61 -1.24 -14.33
N GLN B 173 -21.64 -0.47 -14.74
CA GLN B 173 -21.93 -0.24 -16.15
C GLN B 173 -20.80 0.50 -16.88
N ARG B 174 -20.35 1.63 -16.35
CA ARG B 174 -19.24 2.33 -17.01
C ARG B 174 -18.00 1.46 -17.04
N THR B 175 -17.83 0.61 -16.03
CA THR B 175 -16.68 -0.32 -15.91
C THR B 175 -16.71 -1.34 -17.02
N GLY B 176 -17.86 -1.99 -17.16
CA GLY B 176 -18.11 -2.84 -18.34
C GLY B 176 -17.75 -2.20 -19.67
N ALA B 177 -18.09 -0.93 -19.85
CA ALA B 177 -17.73 -0.19 -21.06
C ALA B 177 -16.20 -0.04 -21.21
N VAL B 178 -15.49 0.36 -20.12
CA VAL B 178 -14.02 0.47 -20.19
C VAL B 178 -13.36 -0.87 -20.56
N TYR B 179 -13.60 -1.91 -19.77
CA TYR B 179 -13.14 -3.28 -20.11
C TYR B 179 -13.18 -3.57 -21.61
N ALA B 180 -14.38 -3.42 -22.19
CA ALA B 180 -14.62 -3.65 -23.61
C ALA B 180 -13.66 -2.83 -24.45
N GLU B 181 -13.44 -1.60 -24.04
N GLU B 181 -13.46 -1.59 -24.03
CA GLU B 181 -12.61 -0.71 -24.81
CA GLU B 181 -12.61 -0.65 -24.77
C GLU B 181 -11.15 -1.07 -24.67
C GLU B 181 -11.16 -1.07 -24.66
N LEU B 182 -10.75 -1.50 -23.46
CA LEU B 182 -9.41 -2.05 -23.24
C LEU B 182 -9.24 -3.25 -24.13
N ALA B 183 -10.26 -4.07 -24.20
CA ALA B 183 -10.19 -5.25 -25.06
C ALA B 183 -9.83 -4.87 -26.50
N ALA B 184 -10.62 -3.98 -27.09
CA ALA B 184 -10.40 -3.48 -28.47
C ALA B 184 -9.00 -2.90 -28.66
N GLN B 185 -8.56 -2.10 -27.70
CA GLN B 185 -7.22 -1.52 -27.75
C GLN B 185 -6.08 -2.53 -27.70
N GLY B 186 -6.39 -3.77 -27.34
CA GLY B 186 -5.35 -4.78 -27.14
C GLY B 186 -4.50 -4.44 -25.92
N TRP B 187 -5.05 -3.64 -24.99
CA TRP B 187 -4.33 -3.18 -23.79
C TRP B 187 -3.59 -4.24 -23.00
N GLY B 188 -2.27 -4.16 -22.96
CA GLY B 188 -1.50 -5.13 -22.19
C GLY B 188 -1.36 -6.51 -22.82
N GLY B 189 -1.89 -6.68 -24.04
CA GLY B 189 -1.89 -7.97 -24.72
C GLY B 189 -3.20 -8.35 -25.40
N ARG B 190 -3.20 -9.55 -25.98
CA ARG B 190 -4.42 -10.05 -26.65
C ARG B 190 -5.54 -10.26 -25.69
N TRP B 191 -6.76 -10.02 -26.15
CA TRP B 191 -7.96 -10.30 -25.40
C TRP B 191 -8.92 -11.23 -26.14
N LEU B 192 -9.62 -12.09 -25.42
CA LEU B 192 -10.90 -12.63 -25.98
C LEU B 192 -12.04 -11.98 -25.26
N VAL B 193 -13.12 -11.80 -26.00
CA VAL B 193 -14.39 -11.32 -25.47
C VAL B 193 -15.44 -12.45 -25.62
N VAL B 194 -15.95 -12.94 -24.50
CA VAL B 194 -16.91 -14.05 -24.50
C VAL B 194 -18.11 -13.78 -23.60
N GLY B 195 -19.14 -14.62 -23.71
CA GLY B 195 -20.37 -14.51 -22.90
C GLY B 195 -20.45 -15.54 -21.78
N ALA B 196 -21.52 -15.54 -20.99
CA ALA B 196 -21.53 -16.42 -19.78
C ALA B 196 -21.34 -17.92 -20.10
N ASP B 197 -22.25 -18.44 -20.89
CA ASP B 197 -22.33 -19.85 -21.20
C ASP B 197 -21.39 -20.15 -22.36
N VAL B 198 -20.12 -20.17 -22.03
CA VAL B 198 -19.06 -20.39 -22.99
C VAL B 198 -18.97 -21.88 -23.29
N ASP B 199 -18.22 -22.26 -24.32
CA ASP B 199 -17.88 -23.65 -24.62
C ASP B 199 -16.46 -23.88 -24.08
N PRO B 200 -16.35 -24.49 -22.88
CA PRO B 200 -15.05 -24.59 -22.20
C PRO B 200 -13.95 -25.22 -23.03
N GLY B 201 -14.20 -26.41 -23.59
CA GLY B 201 -13.24 -27.05 -24.50
C GLY B 201 -12.86 -26.20 -25.70
N ARG B 202 -13.83 -25.52 -26.31
CA ARG B 202 -13.51 -24.62 -27.41
C ARG B 202 -12.69 -23.39 -26.98
N LEU B 203 -13.11 -22.71 -25.90
CA LEU B 203 -12.32 -21.58 -25.33
C LEU B 203 -10.90 -22.02 -25.00
N ALA B 204 -10.73 -23.13 -24.28
CA ALA B 204 -9.39 -23.67 -23.99
C ALA B 204 -8.53 -23.86 -25.24
N ALA B 205 -9.12 -24.36 -26.32
CA ALA B 205 -8.37 -24.59 -27.57
C ALA B 205 -7.82 -23.29 -28.19
N THR B 206 -8.58 -22.22 -28.07
CA THR B 206 -8.14 -20.92 -28.56
C THR B 206 -6.98 -20.43 -27.70
N LEU B 207 -7.12 -20.60 -26.38
CA LEU B 207 -6.18 -20.10 -25.41
C LEU B 207 -4.91 -20.94 -25.33
N ALA B 208 -5.03 -22.22 -25.67
CA ALA B 208 -3.87 -23.12 -25.62
C ALA B 208 -2.80 -22.65 -26.61
N PRO B 209 -1.50 -22.77 -26.24
CA PRO B 209 -0.41 -22.35 -27.12
C PRO B 209 -0.15 -23.35 -28.26
N PRO B 210 0.34 -22.87 -29.42
CA PRO B 210 0.81 -23.79 -30.47
C PRO B 210 2.35 -23.94 -30.43
#